data_1R58
#
_entry.id   1R58
#
_cell.length_a   90.179
_cell.length_b   99.138
_cell.length_c   101.065
_cell.angle_alpha   90.00
_cell.angle_beta   90.00
_cell.angle_gamma   90.00
#
_symmetry.space_group_name_H-M   'C 2 2 21'
#
loop_
_entity.id
_entity.type
_entity.pdbx_description
1 polymer 'Methionine aminopeptidase 2'
2 non-polymer 'MANGANESE (II) ION'
3 non-polymer "N'-((2S,3R)-3-AMINO-2-HYDROXY-5-(ISOPROPYLSULFANYL)PENTANOYL)-N-3-CHLOROBENZOYL HYDRAZIDE"
4 water water
#
_entity_poly.entity_id   1
_entity_poly.type   'polypeptide(L)'
_entity_poly.pdbx_seq_one_letter_code
;KVQTDPPSVPICDLYPNGVFPKGQECEYPPTQDGRTAAWRTTSEEKKALDQASEEIWNDFREAAEAHRQVRKYVMSWIKP
GMTMIEICEKLEDCSRKLIKENGLNAGLAFPTGCSLNNCAAHYTPNAGDTTVLQYDDICKIDFGTHISGRIIDCAFTVTF
NPKYDTLLKAVKDATNTGIKCAGIDVRLCDVGEAIQEVMESYEVEIDGKTYQVKPIRNLNGHSIGQYRIHAGKTVPIIKG
GEATRMEEGEVYAIETFGSTGKGVVHDDMECSHYMKNFDVGHVPIRLPRTKHLLNVINENFGTLAFCRRWLDRLGESKYL
MALKNLCDLGIVDPYPPLCDIKGSYTAQFEHTILLRPTCKEVVSRGDDY
;
_entity_poly.pdbx_strand_id   A
#
# COMPACT_ATOMS: atom_id res chain seq x y z
N LYS A 1 -28.88 -0.83 -2.54
CA LYS A 1 -29.05 -0.46 -1.10
C LYS A 1 -27.87 -0.93 -0.27
N VAL A 2 -28.05 -2.00 0.50
CA VAL A 2 -26.99 -2.56 1.34
C VAL A 2 -26.22 -3.62 0.58
N GLN A 3 -25.11 -4.08 1.15
CA GLN A 3 -24.31 -5.10 0.48
C GLN A 3 -24.56 -6.50 1.04
N THR A 4 -24.25 -7.50 0.21
CA THR A 4 -24.43 -8.89 0.57
C THR A 4 -23.36 -9.37 1.54
N ASP A 5 -23.63 -10.50 2.22
CA ASP A 5 -22.67 -11.06 3.17
C ASP A 5 -21.34 -11.13 2.43
N PRO A 6 -21.20 -12.07 1.46
CA PRO A 6 -19.90 -12.07 0.78
C PRO A 6 -19.95 -10.84 -0.13
N PRO A 7 -19.13 -9.83 0.16
CA PRO A 7 -19.10 -8.60 -0.65
C PRO A 7 -19.18 -8.85 -2.16
N SER A 8 -20.17 -8.27 -2.81
CA SER A 8 -20.35 -8.44 -4.24
C SER A 8 -20.91 -7.20 -4.92
N VAL A 9 -21.51 -6.30 -4.15
CA VAL A 9 -22.10 -5.08 -4.71
C VAL A 9 -21.06 -3.97 -4.85
N PRO A 10 -20.85 -3.47 -6.06
CA PRO A 10 -19.87 -2.40 -6.27
C PRO A 10 -20.13 -1.22 -5.33
N ILE A 11 -19.07 -0.64 -4.80
CA ILE A 11 -19.20 0.50 -3.90
C ILE A 11 -19.98 1.61 -4.60
N CYS A 12 -19.82 1.67 -5.92
CA CYS A 12 -20.48 2.67 -6.75
C CYS A 12 -22.00 2.58 -6.65
N ASP A 13 -22.52 1.36 -6.57
CA ASP A 13 -23.97 1.15 -6.49
C ASP A 13 -24.51 1.31 -5.07
N LEU A 14 -23.61 1.36 -4.09
CA LEU A 14 -24.03 1.54 -2.71
C LEU A 14 -24.23 3.00 -2.40
N TYR A 15 -23.70 3.86 -3.27
CA TYR A 15 -23.83 5.30 -3.12
C TYR A 15 -24.22 5.91 -4.48
N PRO A 16 -25.49 5.76 -4.88
CA PRO A 16 -25.98 6.28 -6.15
C PRO A 16 -25.75 7.78 -6.35
N ASN A 17 -25.48 8.49 -5.26
CA ASN A 17 -25.26 9.93 -5.32
C ASN A 17 -23.85 10.33 -5.74
N GLY A 18 -23.00 9.33 -6.00
CA GLY A 18 -21.64 9.63 -6.41
C GLY A 18 -20.80 10.28 -5.32
N VAL A 19 -21.35 10.35 -4.11
CA VAL A 19 -20.64 10.93 -2.98
C VAL A 19 -20.27 9.83 -2.00
N PHE A 20 -18.98 9.61 -1.81
CA PHE A 20 -18.52 8.55 -0.92
C PHE A 20 -18.04 9.05 0.43
N PRO A 21 -18.15 8.21 1.47
CA PRO A 21 -17.74 8.56 2.82
C PRO A 21 -16.29 9.02 2.95
N LYS A 22 -16.09 10.07 3.73
CA LYS A 22 -14.74 10.59 3.94
C LYS A 22 -14.06 9.73 4.99
N GLY A 23 -12.74 9.78 5.02
CA GLY A 23 -12.00 9.02 6.02
C GLY A 23 -11.87 9.91 7.23
N GLN A 24 -11.02 9.53 8.17
CA GLN A 24 -10.82 10.32 9.38
C GLN A 24 -10.21 11.68 9.04
N GLU A 25 -10.90 12.75 9.42
CA GLU A 25 -10.44 14.10 9.16
C GLU A 25 -9.76 14.67 10.40
N CYS A 26 -8.51 15.10 10.23
CA CYS A 26 -7.75 15.63 11.34
C CYS A 26 -7.23 17.04 11.11
N GLU A 27 -7.12 17.80 12.19
CA GLU A 27 -6.60 19.16 12.14
C GLU A 27 -5.09 18.96 12.08
N TYR A 28 -4.40 19.77 11.29
CA TYR A 28 -2.95 19.64 11.18
C TYR A 28 -2.28 19.91 12.53
N PRO A 29 -1.15 19.24 12.79
CA PRO A 29 -0.45 19.45 14.06
C PRO A 29 0.08 20.87 14.20
N PRO A 30 0.16 21.38 15.44
CA PRO A 30 0.66 22.72 15.68
C PRO A 30 2.10 22.85 15.20
N THR A 31 2.53 24.07 14.91
CA THR A 31 3.90 24.31 14.45
C THR A 31 4.74 24.93 15.55
N GLN A 32 4.89 26.26 15.49
CA GLN A 32 5.68 26.99 16.48
C GLN A 32 5.70 28.48 16.14
N ASP A 33 4.71 28.92 15.35
CA ASP A 33 4.59 30.31 14.96
C ASP A 33 3.16 30.63 14.54
N GLY A 34 2.21 29.96 15.20
CA GLY A 34 0.81 30.19 14.89
C GLY A 34 0.43 29.58 13.55
N ARG A 35 1.21 28.59 13.13
CA ARG A 35 0.98 27.93 11.85
C ARG A 35 0.31 26.58 12.08
N THR A 36 -0.75 26.58 12.88
CA THR A 36 -1.49 25.35 13.19
C THR A 36 -2.43 25.01 12.04
N ALA A 37 -3.66 24.64 12.38
CA ALA A 37 -4.65 24.27 11.37
C ALA A 37 -6.08 24.57 11.80
N ALA A 38 -6.24 25.08 13.01
CA ALA A 38 -7.58 25.42 13.51
C ALA A 38 -8.14 26.57 12.68
N TRP A 39 -7.34 27.01 11.70
CA TRP A 39 -7.72 28.11 10.81
C TRP A 39 -7.92 27.58 9.39
N ARG A 40 -7.30 26.45 9.08
CA ARG A 40 -7.42 25.86 7.75
C ARG A 40 -8.82 25.34 7.49
N THR A 41 -9.28 24.42 8.33
CA THR A 41 -10.61 23.85 8.19
C THR A 41 -11.64 24.97 8.27
N THR A 42 -11.15 26.18 8.51
CA THR A 42 -12.01 27.34 8.66
C THR A 42 -11.89 28.38 7.55
N SER A 43 -10.67 28.60 7.06
CA SER A 43 -10.43 29.58 6.02
C SER A 43 -11.40 29.46 4.86
N GLU A 44 -11.73 30.59 4.24
CA GLU A 44 -12.65 30.61 3.12
C GLU A 44 -11.97 30.23 1.82
N GLU A 45 -10.78 30.78 1.59
CA GLU A 45 -10.02 30.48 0.38
C GLU A 45 -9.57 29.03 0.37
N LYS A 46 -9.30 28.48 1.56
CA LYS A 46 -8.88 27.09 1.66
C LYS A 46 -10.04 26.18 1.32
N LYS A 47 -11.20 26.46 1.90
CA LYS A 47 -12.39 25.66 1.64
C LYS A 47 -12.65 25.66 0.14
N ALA A 48 -12.26 26.76 -0.52
CA ALA A 48 -12.44 26.89 -1.96
C ALA A 48 -11.46 25.99 -2.68
N LEU A 49 -10.18 26.10 -2.35
CA LEU A 49 -9.15 25.27 -2.96
C LEU A 49 -9.47 23.80 -2.76
N ASP A 50 -9.91 23.45 -1.56
CA ASP A 50 -10.25 22.08 -1.23
C ASP A 50 -11.43 21.58 -2.04
N GLN A 51 -12.54 22.31 -1.97
CA GLN A 51 -13.75 21.94 -2.70
C GLN A 51 -13.49 21.84 -4.20
N ALA A 52 -12.47 22.55 -4.66
CA ALA A 52 -12.12 22.53 -6.08
C ALA A 52 -11.67 21.15 -6.53
N SER A 53 -11.07 20.38 -5.61
CA SER A 53 -10.61 19.03 -5.93
C SER A 53 -11.51 17.96 -5.35
N GLU A 54 -12.73 18.34 -5.02
CA GLU A 54 -13.70 17.41 -4.43
C GLU A 54 -13.85 16.11 -5.22
N GLU A 55 -13.89 16.22 -6.54
CA GLU A 55 -14.02 15.03 -7.38
C GLU A 55 -12.83 14.10 -7.20
N ILE A 56 -11.64 14.68 -6.99
CA ILE A 56 -10.44 13.88 -6.79
C ILE A 56 -10.50 13.16 -5.43
N TRP A 57 -10.84 13.91 -4.38
CA TRP A 57 -10.95 13.34 -3.05
C TRP A 57 -12.00 12.24 -3.09
N ASN A 58 -13.06 12.48 -3.86
CA ASN A 58 -14.15 11.53 -3.99
C ASN A 58 -13.70 10.22 -4.61
N ASP A 59 -12.79 10.29 -5.58
CA ASP A 59 -12.30 9.07 -6.22
C ASP A 59 -11.48 8.26 -5.21
N PHE A 60 -10.69 8.96 -4.41
CA PHE A 60 -9.90 8.29 -3.39
C PHE A 60 -10.83 7.60 -2.41
N ARG A 61 -11.89 8.29 -2.01
CA ARG A 61 -12.85 7.76 -1.06
C ARG A 61 -13.56 6.52 -1.57
N GLU A 62 -13.90 6.49 -2.87
CA GLU A 62 -14.56 5.32 -3.42
C GLU A 62 -13.59 4.14 -3.39
N ALA A 63 -12.31 4.41 -3.63
CA ALA A 63 -11.32 3.35 -3.62
C ALA A 63 -11.06 2.88 -2.20
N ALA A 64 -11.10 3.81 -1.24
CA ALA A 64 -10.87 3.50 0.16
C ALA A 64 -11.98 2.64 0.76
N GLU A 65 -13.21 2.95 0.38
CA GLU A 65 -14.36 2.20 0.89
C GLU A 65 -14.31 0.78 0.34
N ALA A 66 -13.88 0.63 -0.90
CA ALA A 66 -13.76 -0.69 -1.48
C ALA A 66 -12.70 -1.43 -0.68
N HIS A 67 -11.61 -0.73 -0.35
CA HIS A 67 -10.51 -1.31 0.40
C HIS A 67 -10.94 -1.77 1.81
N ARG A 68 -11.75 -0.95 2.47
CA ARG A 68 -12.23 -1.29 3.81
C ARG A 68 -13.12 -2.53 3.78
N GLN A 69 -14.05 -2.56 2.83
CA GLN A 69 -14.96 -3.70 2.73
C GLN A 69 -14.25 -4.98 2.31
N VAL A 70 -13.25 -4.88 1.45
CA VAL A 70 -12.50 -6.06 1.02
C VAL A 70 -11.69 -6.66 2.16
N ARG A 71 -10.97 -5.81 2.90
CA ARG A 71 -10.14 -6.29 3.99
C ARG A 71 -10.95 -6.85 5.15
N LYS A 72 -12.12 -6.28 5.40
CA LYS A 72 -12.96 -6.79 6.49
C LYS A 72 -13.34 -8.21 6.10
N TYR A 73 -13.68 -8.39 4.82
CA TYR A 73 -14.06 -9.67 4.27
C TYR A 73 -12.90 -10.66 4.40
N VAL A 74 -11.71 -10.24 3.97
CA VAL A 74 -10.52 -11.08 4.04
C VAL A 74 -10.23 -11.54 5.46
N MET A 75 -10.36 -10.63 6.41
CA MET A 75 -10.10 -10.94 7.82
C MET A 75 -11.02 -12.02 8.38
N SER A 76 -12.22 -12.15 7.82
CA SER A 76 -13.17 -13.14 8.30
C SER A 76 -12.85 -14.58 7.89
N TRP A 77 -12.17 -14.76 6.76
CA TRP A 77 -11.86 -16.11 6.30
C TRP A 77 -10.39 -16.52 6.15
N ILE A 78 -9.46 -15.58 6.15
CA ILE A 78 -8.07 -15.97 5.98
C ILE A 78 -7.68 -16.87 7.16
N LYS A 79 -7.21 -18.07 6.82
CA LYS A 79 -6.85 -19.06 7.83
C LYS A 79 -5.67 -19.93 7.40
N PRO A 80 -4.89 -20.42 8.37
CA PRO A 80 -3.77 -21.28 7.97
C PRO A 80 -4.40 -22.50 7.30
N GLY A 81 -3.69 -23.10 6.34
CA GLY A 81 -4.24 -24.24 5.63
C GLY A 81 -4.53 -23.85 4.19
N MET A 82 -4.86 -22.57 3.98
CA MET A 82 -5.13 -22.06 2.64
C MET A 82 -3.79 -21.80 1.96
N THR A 83 -3.73 -21.98 0.64
CA THR A 83 -2.49 -21.70 -0.08
C THR A 83 -2.47 -20.19 -0.30
N MET A 84 -1.29 -19.63 -0.52
CA MET A 84 -1.19 -18.19 -0.74
C MET A 84 -1.96 -17.80 -1.99
N ILE A 85 -1.97 -18.69 -2.98
CA ILE A 85 -2.69 -18.42 -4.22
C ILE A 85 -4.19 -18.32 -3.93
N GLU A 86 -4.72 -19.29 -3.19
CA GLU A 86 -6.15 -19.28 -2.85
C GLU A 86 -6.51 -17.97 -2.14
N ILE A 87 -5.64 -17.50 -1.26
CA ILE A 87 -5.87 -16.26 -0.52
C ILE A 87 -5.93 -15.04 -1.44
N CYS A 88 -4.95 -14.92 -2.33
CA CYS A 88 -4.89 -13.79 -3.23
C CYS A 88 -6.01 -13.79 -4.26
N GLU A 89 -6.35 -14.97 -4.75
CA GLU A 89 -7.41 -15.11 -5.75
C GLU A 89 -8.76 -14.68 -5.16
N LYS A 90 -9.04 -15.16 -3.95
CA LYS A 90 -10.29 -14.83 -3.28
C LYS A 90 -10.38 -13.35 -2.93
N LEU A 91 -9.25 -12.78 -2.52
CA LEU A 91 -9.20 -11.36 -2.18
C LEU A 91 -9.39 -10.53 -3.44
N GLU A 92 -8.61 -10.84 -4.48
CA GLU A 92 -8.69 -10.10 -5.73
C GLU A 92 -10.04 -10.21 -6.43
N ASP A 93 -10.67 -11.38 -6.33
CA ASP A 93 -11.99 -11.59 -6.94
C ASP A 93 -12.99 -10.59 -6.35
N CYS A 94 -12.90 -10.37 -5.03
CA CYS A 94 -13.78 -9.45 -4.33
C CYS A 94 -13.43 -8.00 -4.63
N SER A 95 -12.13 -7.71 -4.69
CA SER A 95 -11.66 -6.36 -4.96
C SER A 95 -12.13 -5.86 -6.34
N ARG A 96 -12.00 -6.72 -7.34
CA ARG A 96 -12.42 -6.38 -8.70
C ARG A 96 -13.92 -6.06 -8.71
N LYS A 97 -14.67 -6.78 -7.88
CA LYS A 97 -16.11 -6.62 -7.78
C LYS A 97 -16.53 -5.29 -7.16
N LEU A 98 -16.06 -5.03 -5.95
CA LEU A 98 -16.40 -3.81 -5.25
C LEU A 98 -15.88 -2.53 -5.89
N ILE A 99 -14.76 -2.64 -6.61
CA ILE A 99 -14.16 -1.49 -7.26
C ILE A 99 -14.74 -1.32 -8.67
N LYS A 100 -15.54 -2.30 -9.08
CA LYS A 100 -16.17 -2.32 -10.39
C LYS A 100 -15.09 -2.06 -11.44
N GLU A 101 -14.13 -2.97 -11.52
CA GLU A 101 -13.02 -2.86 -12.45
C GLU A 101 -13.49 -2.41 -13.83
N ASN A 102 -12.84 -1.38 -14.35
CA ASN A 102 -13.16 -0.85 -15.68
C ASN A 102 -11.87 -0.40 -16.33
N GLY A 103 -11.11 -1.35 -16.86
CA GLY A 103 -9.86 -1.03 -17.50
C GLY A 103 -8.98 -0.19 -16.61
N LEU A 104 -8.42 0.89 -17.14
CA LEU A 104 -7.55 1.76 -16.35
C LEU A 104 -8.34 2.84 -15.61
N ASN A 105 -9.66 2.81 -15.73
CA ASN A 105 -10.53 3.78 -15.06
C ASN A 105 -10.86 3.39 -13.62
N ALA A 106 -10.75 2.09 -13.33
CA ALA A 106 -11.01 1.57 -12.00
C ALA A 106 -10.49 0.14 -11.92
N GLY A 107 -9.82 -0.21 -10.84
CA GLY A 107 -9.30 -1.55 -10.71
C GLY A 107 -8.33 -1.72 -9.57
N LEU A 108 -7.48 -2.76 -9.68
CA LEU A 108 -6.49 -3.04 -8.65
C LEU A 108 -5.26 -2.20 -8.94
N ALA A 109 -4.82 -1.43 -7.94
CA ALA A 109 -3.67 -0.54 -8.12
C ALA A 109 -2.35 -1.28 -8.19
N PHE A 110 -2.27 -2.41 -7.51
CA PHE A 110 -1.06 -3.23 -7.50
C PHE A 110 -1.38 -4.64 -6.99
N PRO A 111 -0.45 -5.59 -7.17
CA PRO A 111 -0.64 -6.97 -6.73
C PRO A 111 -0.90 -7.11 -5.25
N THR A 112 -1.51 -8.23 -4.87
CA THR A 112 -1.80 -8.50 -3.47
C THR A 112 -0.56 -9.01 -2.76
N GLY A 113 0.03 -8.16 -1.92
CA GLY A 113 1.19 -8.60 -1.18
C GLY A 113 0.72 -9.44 -0.02
N CYS A 114 1.40 -10.56 0.22
CA CYS A 114 1.05 -11.43 1.32
C CYS A 114 2.35 -12.00 1.87
N SER A 115 3.36 -11.14 1.93
CA SER A 115 4.69 -11.50 2.42
C SER A 115 4.68 -12.19 3.78
N LEU A 116 5.48 -13.24 3.89
CA LEU A 116 5.52 -14.04 5.11
C LEU A 116 6.78 -13.98 5.96
N ASN A 117 6.57 -13.97 7.27
CA ASN A 117 7.63 -14.00 8.26
C ASN A 117 8.78 -13.01 8.05
N ASN A 118 9.96 -13.51 7.71
CA ASN A 118 11.11 -12.63 7.54
C ASN A 118 10.95 -11.73 6.31
N CYS A 119 10.09 -12.11 5.39
CA CYS A 119 9.89 -11.28 4.21
C CYS A 119 8.83 -10.25 4.56
N ALA A 120 9.16 -8.99 4.31
CA ALA A 120 8.29 -7.87 4.66
C ALA A 120 7.38 -7.34 3.55
N ALA A 121 7.82 -7.45 2.30
CA ALA A 121 7.01 -6.91 1.22
C ALA A 121 7.36 -7.42 -0.18
N HIS A 122 6.45 -7.15 -1.10
CA HIS A 122 6.60 -7.50 -2.51
C HIS A 122 6.53 -8.98 -2.87
N TYR A 123 5.92 -9.78 -2.01
CA TYR A 123 5.76 -11.18 -2.32
C TYR A 123 4.29 -11.48 -2.57
N THR A 124 4.04 -12.14 -3.70
CA THR A 124 2.72 -12.61 -4.07
C THR A 124 3.10 -13.85 -4.86
N PRO A 125 2.34 -14.93 -4.74
CA PRO A 125 2.68 -16.15 -5.48
C PRO A 125 2.56 -16.08 -6.99
N ASN A 126 3.46 -16.79 -7.68
CA ASN A 126 3.42 -16.88 -9.14
C ASN A 126 2.72 -18.22 -9.34
N ALA A 127 2.38 -18.54 -10.58
CA ALA A 127 1.72 -19.81 -10.90
C ALA A 127 2.55 -20.97 -10.37
N GLY A 128 1.87 -21.96 -9.78
CA GLY A 128 2.57 -23.13 -9.28
C GLY A 128 3.12 -23.05 -7.86
N ASP A 129 3.05 -21.87 -7.24
CA ASP A 129 3.56 -21.70 -5.87
C ASP A 129 2.69 -22.53 -4.91
N THR A 130 3.26 -23.56 -4.30
CA THR A 130 2.50 -24.42 -3.40
C THR A 130 2.53 -23.99 -1.93
N THR A 131 3.04 -22.78 -1.65
CA THR A 131 3.11 -22.29 -0.29
C THR A 131 1.76 -22.27 0.42
N VAL A 132 1.75 -22.78 1.65
CA VAL A 132 0.56 -22.82 2.48
C VAL A 132 0.75 -21.98 3.73
N LEU A 133 -0.25 -21.18 4.07
CA LEU A 133 -0.19 -20.33 5.26
C LEU A 133 -0.18 -21.21 6.50
N GLN A 134 0.70 -20.90 7.45
CA GLN A 134 0.82 -21.70 8.67
C GLN A 134 0.33 -20.96 9.92
N TYR A 135 0.05 -21.71 10.98
CA TYR A 135 -0.45 -21.13 12.23
C TYR A 135 0.52 -20.09 12.81
N ASP A 136 1.82 -20.36 12.71
CA ASP A 136 2.83 -19.45 13.23
C ASP A 136 3.30 -18.38 12.24
N ASP A 137 2.67 -18.31 11.07
CA ASP A 137 3.07 -17.32 10.07
C ASP A 137 2.61 -15.90 10.40
N ILE A 138 3.42 -14.92 10.03
CA ILE A 138 3.07 -13.52 10.22
C ILE A 138 3.00 -12.98 8.79
N CYS A 139 1.78 -12.85 8.31
CA CYS A 139 1.49 -12.43 6.95
C CYS A 139 1.08 -10.97 6.79
N LYS A 140 1.77 -10.25 5.92
CA LYS A 140 1.46 -8.84 5.67
C LYS A 140 0.58 -8.70 4.43
N ILE A 141 -0.70 -8.40 4.64
CA ILE A 141 -1.63 -8.23 3.53
C ILE A 141 -1.58 -6.77 3.06
N ASP A 142 -1.01 -6.57 1.88
CA ASP A 142 -0.85 -5.24 1.29
C ASP A 142 -1.43 -5.23 -0.12
N PHE A 143 -2.60 -4.63 -0.28
CA PHE A 143 -3.24 -4.58 -1.59
C PHE A 143 -3.81 -3.20 -1.86
N GLY A 144 -3.98 -2.88 -3.13
CA GLY A 144 -4.49 -1.57 -3.48
C GLY A 144 -5.62 -1.52 -4.49
N THR A 145 -6.37 -0.43 -4.43
CA THR A 145 -7.49 -0.18 -5.32
C THR A 145 -7.35 1.24 -5.83
N HIS A 146 -7.96 1.55 -6.96
CA HIS A 146 -7.85 2.90 -7.49
C HIS A 146 -9.07 3.24 -8.34
N ILE A 147 -9.34 4.54 -8.42
CA ILE A 147 -10.43 5.07 -9.22
C ILE A 147 -9.74 6.19 -9.99
N SER A 148 -9.70 6.06 -11.31
CA SER A 148 -9.05 7.06 -12.15
C SER A 148 -7.61 7.35 -11.72
N GLY A 149 -6.87 6.30 -11.35
CA GLY A 149 -5.49 6.50 -10.96
C GLY A 149 -5.28 7.04 -9.56
N ARG A 150 -6.37 7.28 -8.83
CA ARG A 150 -6.28 7.77 -7.45
C ARG A 150 -6.13 6.50 -6.62
N ILE A 151 -4.89 6.21 -6.26
CA ILE A 151 -4.51 5.00 -5.52
C ILE A 151 -4.61 4.97 -4.00
N ILE A 152 -5.14 3.86 -3.48
CA ILE A 152 -5.22 3.66 -2.04
C ILE A 152 -4.19 2.56 -1.76
N ASP A 153 -3.11 2.93 -1.08
CA ASP A 153 -2.05 1.99 -0.71
C ASP A 153 -2.26 1.82 0.79
N CYS A 154 -2.81 0.67 1.17
CA CYS A 154 -3.13 0.40 2.58
C CYS A 154 -2.82 -1.06 2.91
N ALA A 155 -2.30 -1.31 4.11
CA ALA A 155 -1.94 -2.67 4.50
C ALA A 155 -2.01 -2.97 6.00
N PHE A 156 -2.14 -4.24 6.34
CA PHE A 156 -2.22 -4.69 7.71
C PHE A 156 -1.51 -6.04 7.86
N THR A 157 -1.34 -6.48 9.11
CA THR A 157 -0.66 -7.75 9.35
C THR A 157 -1.58 -8.80 9.96
N VAL A 158 -1.53 -10.00 9.42
CA VAL A 158 -2.35 -11.11 9.89
C VAL A 158 -1.50 -12.14 10.63
N THR A 159 -2.01 -12.58 11.79
CA THR A 159 -1.35 -13.59 12.61
C THR A 159 -2.43 -14.42 13.27
N PHE A 160 -2.05 -15.59 13.79
CA PHE A 160 -2.99 -16.47 14.46
C PHE A 160 -2.47 -16.85 15.84
N ASN A 161 -1.16 -16.69 16.02
CA ASN A 161 -0.51 -16.98 17.29
C ASN A 161 -0.34 -15.66 18.04
N PRO A 162 -0.93 -15.54 19.24
CA PRO A 162 -0.84 -14.32 20.04
C PRO A 162 0.56 -13.87 20.44
N LYS A 163 1.56 -14.70 20.17
CA LYS A 163 2.93 -14.34 20.53
C LYS A 163 3.45 -13.12 19.77
N TYR A 164 2.83 -12.79 18.63
CA TYR A 164 3.27 -11.64 17.84
C TYR A 164 2.47 -10.37 18.17
N ASP A 165 1.49 -10.48 19.07
CA ASP A 165 0.65 -9.33 19.42
C ASP A 165 1.37 -8.00 19.70
N THR A 166 2.36 -8.02 20.57
CA THR A 166 3.06 -6.78 20.90
C THR A 166 3.83 -6.25 19.70
N LEU A 167 4.36 -7.15 18.88
CA LEU A 167 5.09 -6.75 17.68
C LEU A 167 4.16 -6.00 16.74
N LEU A 168 2.94 -6.51 16.57
CA LEU A 168 1.98 -5.84 15.69
C LEU A 168 1.55 -4.50 16.29
N LYS A 169 1.36 -4.47 17.61
CA LYS A 169 0.97 -3.25 18.29
C LYS A 169 2.04 -2.18 18.07
N ALA A 170 3.30 -2.59 18.17
CA ALA A 170 4.42 -1.66 18.00
C ALA A 170 4.40 -1.00 16.62
N VAL A 171 4.22 -1.80 15.57
CA VAL A 171 4.21 -1.28 14.22
C VAL A 171 2.95 -0.45 13.95
N LYS A 172 1.83 -0.89 14.52
CA LYS A 172 0.58 -0.15 14.34
C LYS A 172 0.70 1.21 15.01
N ASP A 173 1.28 1.24 16.20
CA ASP A 173 1.43 2.48 16.94
C ASP A 173 2.40 3.39 16.16
N ALA A 174 3.45 2.79 15.61
CA ALA A 174 4.45 3.53 14.85
C ALA A 174 3.82 4.21 13.63
N THR A 175 2.98 3.46 12.92
CA THR A 175 2.31 4.00 11.74
C THR A 175 1.37 5.12 12.13
N ASN A 176 0.59 4.92 13.19
CA ASN A 176 -0.33 5.95 13.63
C ASN A 176 0.43 7.20 14.06
N THR A 177 1.62 7.01 14.63
CA THR A 177 2.46 8.13 15.04
C THR A 177 2.89 8.90 13.79
N GLY A 178 3.26 8.16 12.75
CA GLY A 178 3.67 8.81 11.51
C GLY A 178 2.52 9.60 10.91
N ILE A 179 1.33 9.05 11.02
CA ILE A 179 0.12 9.70 10.50
C ILE A 179 -0.19 11.00 11.25
N LYS A 180 0.00 10.98 12.57
CA LYS A 180 -0.27 12.16 13.39
C LYS A 180 0.75 13.27 13.19
N CYS A 181 2.01 12.89 12.98
CA CYS A 181 3.09 13.86 12.79
C CYS A 181 3.04 14.51 11.42
N ALA A 182 2.45 13.81 10.45
CA ALA A 182 2.35 14.31 9.08
C ALA A 182 1.51 15.57 8.94
N GLY A 183 1.87 16.41 7.97
CA GLY A 183 1.13 17.63 7.75
C GLY A 183 1.85 18.57 6.79
N ILE A 184 1.17 19.64 6.41
CA ILE A 184 1.74 20.61 5.49
C ILE A 184 2.90 21.35 6.17
N ASP A 185 4.03 21.45 5.47
CA ASP A 185 5.24 22.11 5.97
C ASP A 185 6.03 21.29 6.96
N VAL A 186 5.60 20.05 7.19
CA VAL A 186 6.30 19.17 8.11
C VAL A 186 7.50 18.57 7.39
N ARG A 187 8.65 18.54 8.06
CA ARG A 187 9.85 17.97 7.47
C ARG A 187 9.79 16.45 7.53
N LEU A 188 10.01 15.81 6.38
CA LEU A 188 9.96 14.35 6.31
C LEU A 188 10.91 13.65 7.27
N CYS A 189 12.07 14.25 7.52
CA CYS A 189 13.02 13.64 8.43
C CYS A 189 12.49 13.61 9.86
N ASP A 190 11.59 14.53 10.19
CA ASP A 190 11.02 14.59 11.53
C ASP A 190 9.96 13.52 11.72
N VAL A 191 9.25 13.19 10.65
CA VAL A 191 8.23 12.15 10.72
C VAL A 191 8.93 10.81 10.98
N GLY A 192 10.05 10.59 10.29
CA GLY A 192 10.79 9.36 10.45
C GLY A 192 11.37 9.22 11.84
N GLU A 193 11.86 10.33 12.40
CA GLU A 193 12.44 10.32 13.73
C GLU A 193 11.34 9.96 14.72
N ALA A 194 10.16 10.54 14.51
CA ALA A 194 9.02 10.29 15.38
C ALA A 194 8.59 8.83 15.33
N ILE A 195 8.53 8.29 14.12
CA ILE A 195 8.13 6.90 13.91
C ILE A 195 9.08 5.94 14.62
N GLN A 196 10.39 6.17 14.45
CA GLN A 196 11.40 5.33 15.06
C GLN A 196 11.35 5.35 16.58
N GLU A 197 11.14 6.53 17.17
CA GLU A 197 11.09 6.66 18.62
C GLU A 197 10.00 5.79 19.22
N VAL A 198 8.81 5.84 18.63
CA VAL A 198 7.69 5.04 19.10
C VAL A 198 7.97 3.56 18.87
N MET A 199 8.40 3.23 17.66
CA MET A 199 8.69 1.84 17.30
C MET A 199 9.67 1.18 18.27
N GLU A 200 10.77 1.87 18.55
CA GLU A 200 11.80 1.32 19.43
C GLU A 200 11.46 1.34 20.91
N SER A 201 10.34 1.98 21.26
CA SER A 201 9.92 2.04 22.65
C SER A 201 9.27 0.71 23.04
N TYR A 202 9.12 -0.17 22.05
CA TYR A 202 8.51 -1.48 22.27
C TYR A 202 9.52 -2.61 22.33
N GLU A 203 9.38 -3.45 23.35
CA GLU A 203 10.23 -4.61 23.52
C GLU A 203 9.25 -5.77 23.48
N VAL A 204 9.63 -6.85 22.81
CA VAL A 204 8.74 -8.00 22.71
C VAL A 204 9.47 -9.27 23.02
N GLU A 205 8.70 -10.30 23.38
CA GLU A 205 9.24 -11.60 23.70
C GLU A 205 8.54 -12.63 22.83
N ILE A 206 9.32 -13.38 22.06
CA ILE A 206 8.79 -14.40 21.19
C ILE A 206 9.60 -15.69 21.35
N ASP A 207 8.91 -16.75 21.73
CA ASP A 207 9.53 -18.06 21.94
C ASP A 207 10.75 -17.99 22.86
N GLY A 208 10.59 -17.31 23.99
CA GLY A 208 11.68 -17.21 24.96
C GLY A 208 12.77 -16.20 24.67
N LYS A 209 12.68 -15.50 23.54
CA LYS A 209 13.69 -14.49 23.19
C LYS A 209 13.07 -13.10 23.20
N THR A 210 13.82 -12.13 23.70
CA THR A 210 13.32 -10.75 23.76
C THR A 210 13.98 -9.90 22.69
N TYR A 211 13.25 -8.89 22.19
CA TYR A 211 13.78 -7.99 21.17
C TYR A 211 13.22 -6.59 21.31
N GLN A 212 14.01 -5.60 20.90
CA GLN A 212 13.52 -4.23 20.89
C GLN A 212 13.16 -4.10 19.41
N VAL A 213 11.90 -3.81 19.12
CA VAL A 213 11.48 -3.71 17.72
C VAL A 213 12.32 -2.69 16.94
N LYS A 214 12.79 -3.11 15.77
CA LYS A 214 13.59 -2.25 14.92
C LYS A 214 12.85 -1.88 13.65
N PRO A 215 12.87 -0.60 13.27
CA PRO A 215 12.18 -0.20 12.04
C PRO A 215 13.04 -0.73 10.89
N ILE A 216 12.45 -1.10 9.77
CA ILE A 216 13.27 -1.58 8.66
C ILE A 216 13.75 -0.32 7.95
N ARG A 217 15.02 0.00 8.20
CA ARG A 217 15.67 1.20 7.68
C ARG A 217 15.59 1.48 6.18
N ASN A 218 15.69 0.45 5.34
CA ASN A 218 15.62 0.72 3.90
C ASN A 218 14.25 0.54 3.27
N LEU A 219 13.21 0.68 4.09
CA LEU A 219 11.83 0.62 3.62
C LEU A 219 11.24 1.93 4.11
N ASN A 220 10.20 2.42 3.46
CA ASN A 220 9.64 3.70 3.85
C ASN A 220 8.31 4.04 3.23
N GLY A 221 7.76 5.18 3.66
CA GLY A 221 6.50 5.67 3.14
C GLY A 221 6.82 6.42 1.86
N HIS A 222 5.81 7.06 1.26
CA HIS A 222 6.04 7.76 0.00
C HIS A 222 4.85 8.57 -0.45
N SER A 223 5.10 9.61 -1.24
CA SER A 223 4.01 10.40 -1.77
C SER A 223 3.41 9.58 -2.89
N ILE A 224 2.15 9.83 -3.22
CA ILE A 224 1.48 9.09 -4.27
C ILE A 224 1.04 10.04 -5.37
N GLY A 225 1.10 9.56 -6.62
CA GLY A 225 0.69 10.39 -7.73
C GLY A 225 -0.35 9.67 -8.56
N GLN A 226 -0.98 10.37 -9.50
CA GLN A 226 -1.99 9.73 -10.32
C GLN A 226 -1.32 8.63 -11.14
N TYR A 227 -1.80 7.40 -10.95
CA TYR A 227 -1.25 6.24 -11.64
C TYR A 227 0.23 6.05 -11.30
N ARG A 228 0.68 6.68 -10.22
CA ARG A 228 2.08 6.58 -9.81
C ARG A 228 2.21 6.31 -8.31
N ILE A 229 2.27 5.02 -7.96
CA ILE A 229 2.38 4.59 -6.57
C ILE A 229 3.46 5.32 -5.80
N HIS A 230 4.55 5.68 -6.48
CA HIS A 230 5.65 6.43 -5.88
C HIS A 230 5.90 7.69 -6.69
N ALA A 231 5.45 8.82 -6.16
CA ALA A 231 5.58 10.11 -6.85
C ALA A 231 6.95 10.78 -6.79
N GLY A 232 7.78 10.40 -5.82
CA GLY A 232 9.09 11.01 -5.73
C GLY A 232 9.63 11.27 -4.33
N LYS A 233 8.75 11.67 -3.41
CA LYS A 233 9.20 11.94 -2.05
C LYS A 233 9.08 10.67 -1.20
N THR A 234 10.00 10.49 -0.26
CA THR A 234 9.98 9.33 0.60
C THR A 234 9.82 9.70 2.06
N VAL A 235 9.03 8.92 2.79
CA VAL A 235 8.83 9.14 4.21
C VAL A 235 9.68 8.07 4.89
N PRO A 236 10.91 8.42 5.30
CA PRO A 236 11.87 7.52 5.95
C PRO A 236 11.29 6.43 6.84
N ILE A 237 11.53 6.53 8.14
CA ILE A 237 11.05 5.58 9.15
C ILE A 237 12.08 5.46 10.29
N ILE A 238 13.20 6.15 10.13
CA ILE A 238 14.25 6.14 11.15
C ILE A 238 14.62 7.54 11.62
N LYS A 239 15.69 8.13 11.10
CA LYS A 239 16.08 9.47 11.51
C LYS A 239 16.47 10.39 10.36
N GLY A 240 17.75 10.76 10.32
CA GLY A 240 18.25 11.65 9.29
C GLY A 240 17.91 11.28 7.86
N GLY A 241 16.68 11.57 7.45
CA GLY A 241 16.27 11.25 6.10
C GLY A 241 15.72 12.40 5.26
N GLU A 242 16.53 13.43 5.07
CA GLU A 242 16.14 14.59 4.26
C GLU A 242 15.09 15.48 4.93
N ALA A 243 15.38 16.78 5.00
CA ALA A 243 14.46 17.72 5.62
C ALA A 243 13.45 18.34 4.65
N THR A 244 13.25 17.69 3.50
CA THR A 244 12.28 18.18 2.53
C THR A 244 10.94 18.22 3.24
N ARG A 245 10.09 19.18 2.88
CA ARG A 245 8.79 19.32 3.53
C ARG A 245 7.64 18.71 2.73
N MET A 246 6.57 18.36 3.45
CA MET A 246 5.37 17.83 2.82
C MET A 246 4.64 19.08 2.35
N GLU A 247 3.92 18.98 1.23
CA GLU A 247 3.22 20.14 0.69
C GLU A 247 1.73 19.96 0.58
N GLU A 248 1.01 21.08 0.62
CA GLU A 248 -0.44 21.08 0.51
C GLU A 248 -0.85 20.40 -0.79
N GLY A 249 -1.93 19.61 -0.73
CA GLY A 249 -2.41 18.93 -1.91
C GLY A 249 -1.74 17.60 -2.20
N GLU A 250 -0.69 17.27 -1.45
CA GLU A 250 0.01 16.03 -1.66
C GLU A 250 -0.70 14.85 -1.01
N VAL A 251 -0.47 13.65 -1.54
CA VAL A 251 -1.05 12.43 -1.03
C VAL A 251 0.10 11.54 -0.60
N TYR A 252 0.01 10.95 0.58
CA TYR A 252 1.08 10.10 1.07
C TYR A 252 0.64 8.74 1.57
N ALA A 253 1.56 7.78 1.44
CA ALA A 253 1.34 6.45 1.94
C ALA A 253 2.22 6.41 3.19
N ILE A 254 1.61 6.44 4.37
CA ILE A 254 2.39 6.37 5.59
C ILE A 254 2.47 4.89 5.94
N GLU A 255 3.64 4.30 5.72
CA GLU A 255 3.82 2.89 6.03
C GLU A 255 5.08 2.63 6.81
N THR A 256 4.99 1.79 7.83
CA THR A 256 6.15 1.46 8.63
C THR A 256 6.28 -0.05 8.71
N PHE A 257 7.49 -0.51 8.95
CA PHE A 257 7.80 -1.93 9.05
C PHE A 257 8.64 -2.13 10.30
N GLY A 258 8.31 -3.17 11.06
CA GLY A 258 9.05 -3.48 12.27
C GLY A 258 9.65 -4.86 12.10
N SER A 259 10.83 -5.10 12.68
CA SER A 259 11.48 -6.39 12.54
C SER A 259 12.26 -6.81 13.78
N THR A 260 12.39 -8.13 13.95
CA THR A 260 13.15 -8.70 15.07
C THR A 260 14.53 -9.11 14.55
N GLY A 261 14.77 -8.85 13.27
CA GLY A 261 16.04 -9.20 12.65
C GLY A 261 17.03 -8.04 12.64
N LYS A 262 17.69 -7.82 11.51
CA LYS A 262 18.66 -6.74 11.38
C LYS A 262 18.03 -5.37 11.10
N GLY A 263 16.78 -5.37 10.66
CA GLY A 263 16.12 -4.11 10.35
C GLY A 263 16.54 -3.60 8.99
N VAL A 264 16.86 -4.53 8.09
CA VAL A 264 17.27 -4.21 6.74
C VAL A 264 16.79 -5.33 5.82
N VAL A 265 16.22 -4.96 4.67
CA VAL A 265 15.74 -5.96 3.74
C VAL A 265 16.62 -6.07 2.50
N HIS A 266 16.58 -7.23 1.87
CA HIS A 266 17.36 -7.50 0.67
C HIS A 266 16.49 -8.34 -0.28
N ASP A 267 16.77 -8.28 -1.58
CA ASP A 267 16.00 -9.04 -2.53
C ASP A 267 16.18 -10.54 -2.27
N ASP A 268 15.10 -11.30 -2.36
CA ASP A 268 15.18 -12.74 -2.16
C ASP A 268 13.96 -13.42 -2.74
N MET A 269 14.16 -14.67 -3.18
CA MET A 269 13.10 -15.48 -3.78
C MET A 269 12.76 -15.02 -5.19
N GLU A 270 11.92 -15.78 -5.87
CA GLU A 270 11.50 -15.49 -7.23
C GLU A 270 10.65 -14.22 -7.32
N CYS A 271 10.95 -13.38 -8.31
CA CYS A 271 10.22 -12.13 -8.48
C CYS A 271 8.83 -12.36 -9.06
N SER A 272 7.87 -11.57 -8.60
CA SER A 272 6.49 -11.66 -9.06
C SER A 272 5.94 -10.29 -9.44
N HIS A 273 6.46 -9.27 -8.79
CA HIS A 273 6.05 -7.88 -9.00
C HIS A 273 6.84 -7.17 -10.08
N TYR A 274 6.13 -6.40 -10.92
CA TYR A 274 6.74 -5.65 -12.01
C TYR A 274 5.96 -4.37 -12.25
N MET A 275 6.64 -3.35 -12.76
CA MET A 275 6.00 -2.08 -13.05
C MET A 275 6.78 -1.24 -14.05
N LYS A 276 6.08 -0.73 -15.05
CA LYS A 276 6.69 0.10 -16.09
C LYS A 276 7.33 1.34 -15.47
N ASN A 277 8.48 1.76 -15.99
CA ASN A 277 9.16 2.94 -15.49
C ASN A 277 8.25 4.11 -15.87
N PHE A 278 7.91 4.94 -14.89
CA PHE A 278 7.02 6.08 -15.13
C PHE A 278 7.63 7.10 -16.09
N ASP A 279 8.95 7.21 -16.08
CA ASP A 279 9.66 8.16 -16.92
C ASP A 279 10.08 7.66 -18.30
N VAL A 280 9.82 6.39 -18.59
CA VAL A 280 10.18 5.85 -19.90
C VAL A 280 9.03 6.12 -20.87
N GLY A 281 9.36 6.70 -22.01
CA GLY A 281 8.33 7.02 -22.99
C GLY A 281 8.13 5.90 -23.99
N HIS A 282 7.40 6.18 -25.07
CA HIS A 282 7.15 5.18 -26.09
C HIS A 282 8.46 4.66 -26.67
N VAL A 283 8.57 3.35 -26.79
CA VAL A 283 9.77 2.72 -27.33
C VAL A 283 9.39 1.74 -28.44
N PRO A 284 9.81 2.02 -29.68
CA PRO A 284 9.47 1.09 -30.77
C PRO A 284 10.15 -0.25 -30.54
N ILE A 285 9.40 -1.34 -30.74
CA ILE A 285 9.94 -2.68 -30.56
C ILE A 285 9.49 -3.57 -31.71
N ARG A 286 10.44 -4.24 -32.36
CA ARG A 286 10.12 -5.13 -33.47
C ARG A 286 10.02 -6.58 -32.99
N LEU A 287 10.85 -6.94 -32.00
CA LEU A 287 10.81 -8.31 -31.47
C LEU A 287 9.33 -8.63 -31.22
N PRO A 288 8.79 -9.63 -31.93
CA PRO A 288 7.39 -10.07 -31.82
C PRO A 288 6.81 -10.27 -30.42
N ARG A 289 7.38 -11.20 -29.67
CA ARG A 289 6.88 -11.49 -28.33
C ARG A 289 7.04 -10.33 -27.34
N THR A 290 8.16 -9.62 -27.44
CA THR A 290 8.44 -8.50 -26.56
C THR A 290 7.49 -7.35 -26.86
N LYS A 291 7.23 -7.15 -28.15
CA LYS A 291 6.35 -6.09 -28.62
C LYS A 291 4.93 -6.32 -28.10
N HIS A 292 4.44 -7.53 -28.28
CA HIS A 292 3.09 -7.89 -27.85
C HIS A 292 2.90 -7.75 -26.33
N LEU A 293 3.89 -8.19 -25.57
CA LEU A 293 3.79 -8.11 -24.12
C LEU A 293 3.73 -6.66 -23.66
N LEU A 294 4.59 -5.82 -24.24
CA LEU A 294 4.59 -4.40 -23.87
C LEU A 294 3.22 -3.80 -24.16
N ASN A 295 2.62 -4.17 -25.29
CA ASN A 295 1.30 -3.66 -25.64
C ASN A 295 0.27 -4.12 -24.63
N VAL A 296 0.37 -5.39 -24.22
CA VAL A 296 -0.55 -5.93 -23.23
C VAL A 296 -0.41 -5.16 -21.93
N ILE A 297 0.83 -4.86 -21.56
CA ILE A 297 1.09 -4.11 -20.33
C ILE A 297 0.54 -2.69 -20.42
N ASN A 298 0.77 -2.01 -21.54
CA ASN A 298 0.26 -0.65 -21.68
C ASN A 298 -1.27 -0.59 -21.68
N GLU A 299 -1.90 -1.58 -22.31
CA GLU A 299 -3.35 -1.63 -22.37
C GLU A 299 -4.02 -1.95 -21.03
N ASN A 300 -3.43 -2.88 -20.29
CA ASN A 300 -4.00 -3.33 -19.02
C ASN A 300 -3.50 -2.69 -17.74
N PHE A 301 -2.25 -2.29 -17.71
CA PHE A 301 -1.69 -1.73 -16.49
C PHE A 301 -1.18 -0.30 -16.58
N GLY A 302 -0.70 0.10 -17.75
CA GLY A 302 -0.15 1.44 -17.87
C GLY A 302 1.02 1.51 -16.92
N THR A 303 1.07 2.53 -16.07
CA THR A 303 2.16 2.68 -15.12
C THR A 303 1.87 2.03 -13.76
N LEU A 304 0.76 1.30 -13.67
CA LEU A 304 0.42 0.61 -12.41
C LEU A 304 1.18 -0.70 -12.32
N ALA A 305 1.48 -1.13 -11.10
CA ALA A 305 2.21 -2.38 -10.91
C ALA A 305 1.33 -3.59 -11.23
N PHE A 306 1.97 -4.69 -11.63
CA PHE A 306 1.26 -5.91 -11.94
C PHE A 306 2.12 -7.09 -11.50
N CYS A 307 1.60 -8.30 -11.65
CA CYS A 307 2.32 -9.51 -11.29
C CYS A 307 2.15 -10.57 -12.38
N ARG A 308 2.93 -11.64 -12.32
CA ARG A 308 2.81 -12.71 -13.33
C ARG A 308 1.43 -13.34 -13.40
N ARG A 309 0.80 -13.54 -12.24
CA ARG A 309 -0.52 -14.14 -12.21
C ARG A 309 -1.50 -13.34 -13.04
N TRP A 310 -1.33 -12.03 -13.06
CA TRP A 310 -2.22 -11.16 -13.82
C TRP A 310 -1.96 -11.22 -15.31
N LEU A 311 -0.79 -11.73 -15.69
CA LEU A 311 -0.48 -11.89 -17.10
C LEU A 311 -1.12 -13.23 -17.52
N ASP A 312 -1.02 -14.23 -16.63
CA ASP A 312 -1.59 -15.55 -16.88
C ASP A 312 -3.10 -15.46 -17.11
N ARG A 313 -3.80 -14.73 -16.24
CA ARG A 313 -5.24 -14.62 -16.36
C ARG A 313 -5.69 -13.92 -17.63
N LEU A 314 -4.78 -13.17 -18.24
CA LEU A 314 -5.09 -12.46 -19.48
C LEU A 314 -4.83 -13.38 -20.68
N GLY A 315 -4.46 -14.63 -20.40
CA GLY A 315 -4.20 -15.59 -21.45
C GLY A 315 -2.79 -15.62 -22.01
N GLU A 316 -1.87 -14.88 -21.40
CA GLU A 316 -0.49 -14.86 -21.86
C GLU A 316 0.28 -16.08 -21.38
N SER A 317 1.14 -16.63 -22.25
CA SER A 317 1.95 -17.79 -21.89
C SER A 317 3.32 -17.68 -22.55
N LYS A 318 4.35 -18.22 -21.89
CA LYS A 318 5.71 -18.17 -22.41
C LYS A 318 6.10 -16.73 -22.70
N TYR A 319 5.92 -15.88 -21.69
CA TYR A 319 6.21 -14.46 -21.78
C TYR A 319 7.41 -14.06 -20.91
N LEU A 320 7.94 -15.03 -20.17
CA LEU A 320 9.06 -14.76 -19.27
C LEU A 320 10.27 -14.09 -19.92
N MET A 321 10.70 -14.59 -21.07
CA MET A 321 11.84 -13.99 -21.75
C MET A 321 11.48 -12.58 -22.23
N ALA A 322 10.28 -12.42 -22.77
CA ALA A 322 9.83 -11.12 -23.25
C ALA A 322 9.80 -10.14 -22.06
N LEU A 323 9.38 -10.64 -20.91
CA LEU A 323 9.32 -9.80 -19.72
C LEU A 323 10.73 -9.42 -19.28
N LYS A 324 11.66 -10.37 -19.37
CA LYS A 324 13.05 -10.09 -19.00
C LYS A 324 13.63 -9.06 -19.95
N ASN A 325 13.29 -9.14 -21.23
CA ASN A 325 13.78 -8.19 -22.22
C ASN A 325 13.36 -6.77 -21.84
N LEU A 326 12.07 -6.59 -21.56
CA LEU A 326 11.55 -5.27 -21.19
C LEU A 326 12.27 -4.75 -19.95
N CYS A 327 12.57 -5.65 -19.01
CA CYS A 327 13.29 -5.26 -17.81
C CYS A 327 14.72 -4.84 -18.17
N ASP A 328 15.37 -5.65 -19.00
CA ASP A 328 16.74 -5.35 -19.42
C ASP A 328 16.80 -4.05 -20.21
N LEU A 329 15.73 -3.75 -20.93
CA LEU A 329 15.66 -2.53 -21.72
C LEU A 329 15.35 -1.34 -20.82
N GLY A 330 15.00 -1.62 -19.57
CA GLY A 330 14.68 -0.56 -18.64
C GLY A 330 13.30 0.04 -18.83
N ILE A 331 12.45 -0.63 -19.61
CA ILE A 331 11.09 -0.19 -19.89
C ILE A 331 10.23 -0.60 -18.69
N VAL A 332 10.54 -1.78 -18.15
CA VAL A 332 9.84 -2.31 -16.99
C VAL A 332 10.88 -2.58 -15.90
N ASP A 333 10.47 -2.42 -14.65
CA ASP A 333 11.35 -2.66 -13.52
C ASP A 333 10.85 -3.81 -12.65
N PRO A 334 11.76 -4.71 -12.24
CA PRO A 334 11.36 -5.84 -11.40
C PRO A 334 11.41 -5.41 -9.94
N TYR A 335 10.47 -5.93 -9.14
CA TYR A 335 10.42 -5.61 -7.72
C TYR A 335 10.32 -6.91 -6.93
N PRO A 336 11.45 -7.59 -6.75
CA PRO A 336 11.48 -8.86 -6.01
C PRO A 336 11.11 -8.74 -4.54
N PRO A 337 10.80 -9.86 -3.88
CA PRO A 337 10.44 -9.82 -2.47
C PRO A 337 11.59 -9.23 -1.65
N LEU A 338 11.24 -8.47 -0.60
CA LEU A 338 12.22 -7.85 0.27
C LEU A 338 12.14 -8.56 1.61
N CYS A 339 13.21 -9.21 2.01
CA CYS A 339 13.23 -9.97 3.26
C CYS A 339 14.40 -9.65 4.19
N ASP A 340 14.16 -9.79 5.48
CA ASP A 340 15.19 -9.57 6.49
C ASP A 340 15.84 -10.94 6.69
N ILE A 341 16.74 -11.03 7.66
CA ILE A 341 17.44 -12.28 7.98
C ILE A 341 16.52 -13.49 8.23
N LYS A 342 17.02 -14.68 7.90
CA LYS A 342 16.28 -15.92 8.10
C LYS A 342 15.97 -16.05 9.59
N GLY A 343 14.74 -16.41 9.91
CA GLY A 343 14.37 -16.56 11.31
C GLY A 343 13.78 -15.30 11.94
N SER A 344 13.91 -14.16 11.26
CA SER A 344 13.38 -12.91 11.80
C SER A 344 11.89 -12.77 11.48
N TYR A 345 11.23 -11.86 12.20
CA TYR A 345 9.81 -11.63 12.00
C TYR A 345 9.59 -10.16 11.65
N THR A 346 8.75 -9.90 10.65
CA THR A 346 8.47 -8.52 10.25
C THR A 346 6.97 -8.28 10.20
N ALA A 347 6.58 -7.06 10.55
CA ALA A 347 5.17 -6.66 10.55
C ALA A 347 5.04 -5.31 9.83
N GLN A 348 3.84 -5.04 9.32
CA GLN A 348 3.56 -3.80 8.60
C GLN A 348 2.14 -3.25 8.78
N PHE A 349 2.03 -1.92 8.69
CA PHE A 349 0.76 -1.23 8.78
C PHE A 349 0.92 -0.01 7.89
N GLU A 350 -0.08 0.24 7.05
CA GLU A 350 0.00 1.32 6.09
C GLU A 350 -1.35 1.98 5.83
N HIS A 351 -1.33 3.30 5.66
CA HIS A 351 -2.53 4.07 5.37
C HIS A 351 -2.19 5.13 4.34
N THR A 352 -3.19 5.55 3.59
CA THR A 352 -3.01 6.60 2.60
C THR A 352 -3.65 7.85 3.20
N ILE A 353 -2.95 8.98 3.12
CA ILE A 353 -3.49 10.21 3.66
C ILE A 353 -3.50 11.31 2.61
N LEU A 354 -4.48 12.21 2.73
CA LEU A 354 -4.63 13.31 1.80
C LEU A 354 -4.33 14.60 2.54
N LEU A 355 -3.36 15.37 2.05
CA LEU A 355 -3.02 16.63 2.68
C LEU A 355 -3.88 17.74 2.06
N ARG A 356 -5.16 17.73 2.40
CA ARG A 356 -6.12 18.69 1.88
C ARG A 356 -5.88 20.10 2.45
N PRO A 357 -6.42 21.12 1.79
CA PRO A 357 -6.27 22.52 2.22
C PRO A 357 -6.83 22.80 3.62
N THR A 358 -8.02 22.27 3.90
CA THR A 358 -8.66 22.49 5.19
C THR A 358 -8.26 21.50 6.28
N CYS A 359 -7.76 20.33 5.90
CA CYS A 359 -7.38 19.32 6.89
C CYS A 359 -6.56 18.17 6.32
N LYS A 360 -6.25 17.22 7.19
CA LYS A 360 -5.49 16.03 6.84
C LYS A 360 -6.50 14.90 6.94
N GLU A 361 -6.68 14.14 5.85
CA GLU A 361 -7.65 13.06 5.85
C GLU A 361 -7.00 11.69 5.71
N VAL A 362 -7.18 10.85 6.72
CA VAL A 362 -6.65 9.49 6.69
C VAL A 362 -7.76 8.72 5.96
N VAL A 363 -7.82 8.95 4.65
CA VAL A 363 -8.85 8.37 3.79
C VAL A 363 -9.09 6.87 3.89
N SER A 364 -8.03 6.11 4.15
CA SER A 364 -8.17 4.65 4.24
C SER A 364 -8.44 4.13 5.66
N ARG A 365 -8.63 5.05 6.61
CA ARG A 365 -8.90 4.65 7.99
C ARG A 365 -10.19 3.85 8.11
N GLY A 366 -10.19 2.85 8.99
CA GLY A 366 -11.39 2.04 9.18
C GLY A 366 -11.66 1.81 10.65
N ASP A 367 -12.68 0.99 10.94
CA ASP A 367 -13.02 0.64 12.31
C ASP A 367 -12.06 -0.43 12.78
N ASP A 368 -11.35 -1.05 11.83
CA ASP A 368 -10.40 -2.10 12.15
C ASP A 368 -9.02 -1.55 12.53
N TYR A 369 -8.50 -0.63 11.72
CA TYR A 369 -7.20 -0.01 11.97
C TYR A 369 -7.06 1.26 11.16
#